data_3UWM
#
_entry.id   3UWM
#
_cell.length_a   70.660
_cell.length_b   80.700
_cell.length_c   111.790
_cell.angle_alpha   90.00
_cell.angle_beta   90.00
_cell.angle_gamma   90.00
#
_symmetry.space_group_name_H-M   'P 21 21 21'
#
loop_
_entity.id
_entity.type
_entity.pdbx_description
1 polymer '4-hydroxy-3-methylbut-2-enyl diphosphate reductase'
2 non-polymer 'IRON/SULFUR CLUSTER'
3 non-polymer '4-oxobutyl trihydrogen diphosphate'
4 non-polymer '(3E)-4-hydroxybut-3-en-1-yl trihydrogen diphosphate'
5 water water
#
_entity_poly.entity_id   1
_entity_poly.type   'polypeptide(L)'
_entity_poly.pdbx_seq_one_letter_code
;HHHHHHGSMQILLANPRGFCAGVDRAISIVENALAIYGAPIYVRHEVVHNRYVVDSLRERGAIFIEQISEVPDGAILIFS
AHGVSQAVRNEAKSRDLTVFDATCPLVTKVHMEVARASRRGEESILIGHAGHPEVEGTMGQYSNPEGGMYLVESPDDVWK
LTVKNEEKLSFMTQTTLSVDDTSDVIDALRKRFPKIVGPRKDDICYATTNRQEAVRALAEQAEVVLVVGSKNSSNSNRLA
ELAQRMGKRAFLIDDAKDIQEEWVKEVKCVGVTAGASAPDILVQNVVARLQQLGGGEAIPLEGREENIVFEVPKELRVDI
REVD
;
_entity_poly.pdbx_strand_id   A,B
#
# COMPACT_ATOMS: atom_id res chain seq x y z
N MET A 9 -27.52 19.87 -21.27
CA MET A 9 -26.14 19.25 -21.21
C MET A 9 -25.91 18.44 -19.92
N GLN A 10 -25.49 17.19 -20.11
CA GLN A 10 -25.25 16.27 -19.01
C GLN A 10 -23.80 16.49 -18.57
N ILE A 11 -23.62 16.74 -17.27
CA ILE A 11 -22.27 16.82 -16.71
C ILE A 11 -22.03 15.52 -15.97
N LEU A 12 -20.94 14.80 -16.32
CA LEU A 12 -20.61 13.52 -15.69
C LEU A 12 -19.34 13.74 -14.92
N LEU A 13 -19.22 13.10 -13.75
CA LEU A 13 -18.01 13.23 -12.94
C LEU A 13 -17.33 11.86 -12.83
N ALA A 14 -16.03 11.83 -13.11
CA ALA A 14 -15.19 10.61 -13.01
C ALA A 14 -15.04 10.19 -11.58
N ASN A 15 -14.97 8.89 -11.42
CA ASN A 15 -14.72 8.28 -10.10
C ASN A 15 -13.86 7.05 -10.15
N PRO A 16 -12.71 7.07 -9.42
CA PRO A 16 -12.16 8.12 -8.54
C PRO A 16 -11.59 9.32 -9.34
N ARG A 17 -11.47 10.44 -8.65
CA ARG A 17 -10.80 11.68 -9.17
C ARG A 17 -10.17 12.42 -7.98
N GLY A 18 -9.26 13.35 -8.26
CA GLY A 18 -8.77 14.26 -7.27
C GLY A 18 -7.84 13.60 -6.31
N PHE A 19 -7.73 14.13 -5.10
CA PHE A 19 -6.62 13.82 -4.18
C PHE A 19 -6.43 12.40 -3.98
N CYS A 20 -5.19 11.99 -4.08
CA CYS A 20 -4.79 10.72 -3.67
C CYS A 20 -4.27 10.72 -2.21
N ALA A 21 -3.97 9.53 -1.69
CA ALA A 21 -3.39 9.45 -0.29
C ALA A 21 -2.06 10.18 -0.11
N GLY A 22 -1.17 10.14 -1.12
CA GLY A 22 0.09 10.85 -0.91
C GLY A 22 -0.07 12.33 -0.85
N VAL A 23 -0.97 12.86 -1.68
CA VAL A 23 -1.09 14.33 -1.85
C VAL A 23 -1.77 14.86 -0.55
N ASP A 24 -2.75 14.09 -0.04
CA ASP A 24 -3.44 14.56 1.18
C ASP A 24 -2.44 14.63 2.31
N ARG A 25 -1.54 13.62 2.39
CA ARG A 25 -0.50 13.59 3.49
C ARG A 25 0.42 14.80 3.36
N ALA A 26 0.88 15.03 2.13
CA ALA A 26 1.99 16.00 1.86
C ALA A 26 1.47 17.39 2.17
N ILE A 27 0.23 17.69 1.79
CA ILE A 27 -0.30 19.03 2.01
C ILE A 27 -0.50 19.14 3.52
N SER A 28 -1.03 18.09 4.14
CA SER A 28 -1.19 18.17 5.61
C SER A 28 0.12 18.35 6.34
N ILE A 29 1.20 17.79 5.82
CA ILE A 29 2.52 18.00 6.45
C ILE A 29 2.89 19.49 6.46
N VAL A 30 2.65 20.17 5.34
CA VAL A 30 3.03 21.60 5.22
C VAL A 30 2.11 22.43 6.12
N GLU A 31 0.79 22.19 6.05
CA GLU A 31 -0.19 22.96 6.88
C GLU A 31 0.09 22.74 8.38
N ASN A 32 0.35 21.50 8.77
CA ASN A 32 0.60 21.23 10.20
C ASN A 32 1.89 21.87 10.72
N ALA A 33 2.93 21.85 9.88
CA ALA A 33 4.20 22.51 10.17
C ALA A 33 3.99 24.00 10.32
N LEU A 34 3.24 24.61 9.38
CA LEU A 34 2.86 26.02 9.55
C LEU A 34 2.12 26.30 10.87
N ALA A 35 1.19 25.42 11.25
CA ALA A 35 0.41 25.62 12.48
C ALA A 35 1.25 25.39 13.73
N ILE A 36 2.17 24.43 13.71
CA ILE A 36 2.99 24.13 14.91
C ILE A 36 4.17 25.10 15.10
N TYR A 37 4.84 25.47 14.01
CA TYR A 37 6.04 26.33 14.05
C TYR A 37 5.88 27.79 13.57
N GLY A 38 4.82 28.10 12.81
CA GLY A 38 4.59 29.44 12.21
C GLY A 38 5.36 29.60 10.90
N ALA A 39 5.09 30.69 10.15
CA ALA A 39 5.91 31.06 8.97
C ALA A 39 7.28 31.51 9.44
N PRO A 40 8.33 31.31 8.62
CA PRO A 40 8.19 30.62 7.33
C PRO A 40 8.40 29.14 7.51
N ILE A 41 7.93 28.39 6.54
CA ILE A 41 8.26 26.97 6.40
C ILE A 41 8.75 26.81 4.98
N TYR A 42 10.01 26.35 4.84
CA TYR A 42 10.58 26.11 3.53
C TYR A 42 10.15 24.79 2.95
N VAL A 43 9.80 24.77 1.66
CA VAL A 43 9.46 23.54 0.95
C VAL A 43 10.31 23.44 -0.32
N ARG A 44 10.98 22.30 -0.48
CA ARG A 44 11.83 22.09 -1.67
C ARG A 44 10.94 21.59 -2.79
N HIS A 45 10.80 22.43 -3.81
CA HIS A 45 9.87 22.20 -4.95
C HIS A 45 8.43 22.42 -4.51
N GLU A 46 7.51 22.73 -5.45
CA GLU A 46 6.08 22.78 -5.16
C GLU A 46 5.75 21.48 -4.43
N VAL A 47 5.10 21.61 -3.25
CA VAL A 47 4.75 20.39 -2.48
C VAL A 47 4.03 19.34 -3.37
N VAL A 48 3.04 19.79 -4.12
CA VAL A 48 2.34 19.04 -5.22
C VAL A 48 2.26 19.99 -6.40
N HIS A 49 2.04 19.48 -7.59
CA HIS A 49 2.03 20.33 -8.79
C HIS A 49 0.61 20.80 -8.97
N ASN A 50 0.18 21.60 -8.03
CA ASN A 50 -1.06 22.32 -8.22
C ASN A 50 -0.94 23.85 -7.81
N ARG A 51 -1.19 24.72 -8.78
CA ARG A 51 -1.09 26.18 -8.60
C ARG A 51 -2.02 26.71 -7.45
N TYR A 52 -3.28 26.23 -7.38
CA TYR A 52 -4.15 26.61 -6.28
C TYR A 52 -3.58 26.24 -4.85
N VAL A 53 -3.14 25.00 -4.69
CA VAL A 53 -2.56 24.52 -3.44
C VAL A 53 -1.29 25.32 -3.13
N VAL A 54 -0.41 25.41 -4.12
CA VAL A 54 0.85 26.14 -3.97
C VAL A 54 0.62 27.63 -3.65
N ASP A 55 -0.21 28.35 -4.43
CA ASP A 55 -0.43 29.80 -4.13
C ASP A 55 -0.97 29.96 -2.70
N SER A 56 -1.88 29.04 -2.32
CA SER A 56 -2.56 29.05 -1.02
C SER A 56 -1.53 28.97 0.08
N LEU A 57 -0.63 28.01 -0.05
CA LEU A 57 0.32 27.75 1.02
C LEU A 57 1.35 28.90 1.10
N ARG A 58 1.70 29.49 -0.07
CA ARG A 58 2.59 30.67 -0.15
C ARG A 58 2.00 31.88 0.63
N GLU A 59 0.72 32.17 0.42
CA GLU A 59 -0.02 33.24 1.10
C GLU A 59 -0.10 32.95 2.63
N ARG A 60 -0.03 31.67 3.01
CA ARG A 60 0.06 31.34 4.43
C ARG A 60 1.47 31.26 5.01
N GLY A 61 2.51 31.51 4.20
CA GLY A 61 3.90 31.58 4.71
C GLY A 61 4.87 30.42 4.37
N ALA A 62 4.46 29.46 3.53
CA ALA A 62 5.41 28.51 3.01
C ALA A 62 6.19 29.19 1.87
N ILE A 63 7.50 28.98 1.86
CA ILE A 63 8.35 29.49 0.82
C ILE A 63 8.85 28.32 0.01
N PHE A 64 8.55 28.32 -1.28
CA PHE A 64 8.93 27.20 -2.15
C PHE A 64 10.27 27.49 -2.81
N ILE A 65 11.27 26.61 -2.62
CA ILE A 65 12.62 26.77 -3.23
C ILE A 65 13.01 25.58 -4.10
N GLU A 66 13.98 25.76 -5.02
CA GLU A 66 14.47 24.61 -5.77
C GLU A 66 15.73 23.96 -5.16
N GLN A 67 16.60 24.77 -4.56
CA GLN A 67 17.88 24.29 -3.98
C GLN A 67 17.95 24.53 -2.46
N ILE A 68 18.59 23.62 -1.72
CA ILE A 68 18.87 23.76 -0.27
C ILE A 68 19.72 25.02 0.04
N SER A 69 20.57 25.44 -0.91
CA SER A 69 21.31 26.69 -0.71
C SER A 69 20.43 27.94 -0.64
N GLU A 70 19.14 27.81 -0.96
CA GLU A 70 18.17 28.93 -0.85
C GLU A 70 17.63 29.04 0.60
N VAL A 71 17.89 28.02 1.41
CA VAL A 71 17.28 27.87 2.74
C VAL A 71 18.22 28.29 3.82
N PRO A 72 17.75 29.16 4.71
CA PRO A 72 18.57 29.75 5.78
C PRO A 72 18.88 28.68 6.83
N ASP A 73 19.95 28.87 7.60
CA ASP A 73 20.32 27.99 8.73
C ASP A 73 19.22 28.05 9.82
N GLY A 74 18.91 26.95 10.52
CA GLY A 74 17.88 26.92 11.58
C GLY A 74 16.45 26.68 11.06
N ALA A 75 16.30 26.79 9.76
CA ALA A 75 14.98 26.73 9.13
C ALA A 75 14.41 25.31 9.22
N ILE A 76 13.06 25.23 9.08
CA ILE A 76 12.33 23.97 8.84
C ILE A 76 12.19 23.78 7.34
N LEU A 77 12.51 22.58 6.89
CA LEU A 77 12.47 22.28 5.46
C LEU A 77 11.64 21.04 5.22
N ILE A 78 10.78 21.06 4.22
CA ILE A 78 9.89 19.87 3.94
C ILE A 78 10.22 19.50 2.50
N PHE A 79 10.46 18.21 2.24
CA PHE A 79 10.69 17.76 0.84
C PHE A 79 9.31 17.53 0.25
N SER A 80 9.13 17.86 -1.04
CA SER A 80 7.80 17.63 -1.72
C SER A 80 7.42 16.13 -1.94
N ALA A 81 6.14 15.92 -2.27
CA ALA A 81 5.60 14.57 -2.48
C ALA A 81 6.40 13.75 -3.49
N HIS A 82 7.06 14.46 -4.42
CA HIS A 82 7.79 13.82 -5.56
C HIS A 82 9.02 13.15 -5.11
N GLY A 83 9.63 13.57 -3.98
CA GLY A 83 10.84 12.87 -3.49
C GLY A 83 12.11 13.62 -3.88
N VAL A 84 13.25 13.16 -3.36
CA VAL A 84 14.49 13.93 -3.54
C VAL A 84 15.57 12.87 -3.60
N SER A 85 16.65 13.27 -4.26
CA SER A 85 17.82 12.45 -4.52
C SER A 85 18.53 12.33 -3.19
N GLN A 86 19.32 11.26 -3.07
CA GLN A 86 20.27 11.17 -1.96
C GLN A 86 21.14 12.40 -1.83
N ALA A 87 21.56 13.00 -2.96
CA ALA A 87 22.47 14.18 -2.87
C ALA A 87 21.75 15.31 -2.13
N VAL A 88 20.49 15.54 -2.50
CA VAL A 88 19.70 16.59 -1.83
C VAL A 88 19.53 16.22 -0.35
N ARG A 89 19.20 14.95 -0.05
CA ARG A 89 18.88 14.57 1.35
C ARG A 89 20.11 14.81 2.19
N ASN A 90 21.25 14.46 1.60
CA ASN A 90 22.52 14.70 2.32
C ASN A 90 22.98 16.13 2.49
N GLU A 91 22.83 16.94 1.44
CA GLU A 91 23.03 18.38 1.53
C GLU A 91 22.16 18.94 2.64
N ALA A 92 20.88 18.52 2.70
CA ALA A 92 19.99 18.97 3.82
C ALA A 92 20.50 18.50 5.16
N LYS A 93 20.86 17.21 5.24
CA LYS A 93 21.49 16.58 6.43
C LYS A 93 22.76 17.30 6.94
N SER A 94 23.61 17.75 6.01
CA SER A 94 24.88 18.43 6.30
C SER A 94 24.69 19.85 6.82
N ARG A 95 23.51 20.43 6.61
CA ARG A 95 23.21 21.81 7.00
C ARG A 95 22.40 21.78 8.32
N ASP A 96 22.07 22.97 8.81
CA ASP A 96 21.46 23.14 10.15
C ASP A 96 19.89 23.09 10.16
N LEU A 97 19.31 22.14 9.43
CA LEU A 97 17.85 22.15 9.12
C LEU A 97 17.06 21.04 9.86
N THR A 98 15.83 21.34 10.27
CA THR A 98 14.90 20.30 10.76
C THR A 98 14.19 19.92 9.48
N VAL A 99 14.22 18.63 9.12
CA VAL A 99 13.67 18.20 7.83
C VAL A 99 12.42 17.38 8.10
N PHE A 100 11.30 17.66 7.41
CA PHE A 100 10.17 16.68 7.44
C PHE A 100 10.12 16.25 6.01
N ASP A 101 9.80 14.99 5.79
CA ASP A 101 9.86 14.41 4.43
C ASP A 101 8.44 14.17 3.95
N ALA A 102 7.92 14.97 3.05
CA ALA A 102 6.54 14.62 2.55
C ALA A 102 6.53 13.66 1.35
N THR A 103 7.69 13.05 1.01
CA THR A 103 7.68 12.06 -0.08
C THR A 103 6.55 11.02 0.09
N CYS A 104 5.84 10.86 -1.03
CA CYS A 104 4.77 9.84 -0.96
C CYS A 104 5.43 8.52 -0.59
N PRO A 105 4.83 7.72 0.37
CA PRO A 105 5.41 6.34 0.60
C PRO A 105 5.66 5.49 -0.68
N LEU A 106 4.80 5.64 -1.68
CA LEU A 106 4.75 4.85 -2.93
C LEU A 106 5.88 5.27 -3.87
N VAL A 107 6.34 6.51 -3.73
CA VAL A 107 7.63 6.91 -4.28
C VAL A 107 8.82 6.32 -3.52
N THR A 108 8.77 6.46 -2.16
CA THR A 108 9.85 5.89 -1.28
C THR A 108 10.07 4.38 -1.56
N LYS A 109 8.98 3.64 -1.83
CA LYS A 109 9.07 2.19 -2.16
C LYS A 109 10.02 1.97 -3.37
N VAL A 110 9.86 2.78 -4.41
CA VAL A 110 10.69 2.63 -5.62
C VAL A 110 12.17 3.00 -5.22
N HIS A 111 12.32 4.12 -4.49
CA HIS A 111 13.66 4.62 -4.01
C HIS A 111 14.45 3.47 -3.39
N MET A 112 13.77 2.70 -2.50
CA MET A 112 14.43 1.63 -1.75
C MET A 112 14.95 0.54 -2.69
N GLU A 113 14.19 0.26 -3.74
CA GLU A 113 14.68 -0.73 -4.72
C GLU A 113 15.93 -0.27 -5.55
N VAL A 114 16.02 1.02 -5.86
CA VAL A 114 17.09 1.52 -6.70
C VAL A 114 18.35 1.49 -5.85
N ALA A 115 18.21 1.93 -4.60
CA ALA A 115 19.22 1.80 -3.51
C ALA A 115 19.73 0.35 -3.36
N ARG A 116 18.80 -0.59 -3.29
CA ARG A 116 19.20 -2.00 -3.28
C ARG A 116 20.09 -2.32 -4.47
N ALA A 117 19.57 -2.13 -5.69
CA ALA A 117 20.37 -2.39 -6.88
C ALA A 117 21.75 -1.69 -6.84
N SER A 118 21.77 -0.42 -6.43
CA SER A 118 23.05 0.30 -6.29
C SER A 118 24.03 -0.39 -5.34
N ARG A 119 23.58 -0.71 -4.14
CA ARG A 119 24.46 -1.41 -3.16
C ARG A 119 25.04 -2.66 -3.80
N ARG A 120 24.26 -3.33 -4.65
CA ARG A 120 24.73 -4.56 -5.32
C ARG A 120 25.65 -4.31 -6.52
N GLY A 121 25.73 -3.07 -7.00
CA GLY A 121 26.43 -2.75 -8.23
C GLY A 121 25.81 -3.35 -9.49
N GLU A 122 24.50 -3.61 -9.44
CA GLU A 122 23.76 -4.16 -10.56
C GLU A 122 23.04 -3.02 -11.21
N GLU A 123 22.98 -3.12 -12.54
CA GLU A 123 22.41 -2.01 -13.32
C GLU A 123 20.88 -1.98 -13.21
N SER A 124 20.33 -0.76 -13.30
CA SER A 124 18.90 -0.51 -13.16
C SER A 124 18.48 0.41 -14.26
N ILE A 125 17.25 0.19 -14.75
CA ILE A 125 16.67 1.02 -15.78
C ILE A 125 15.39 1.59 -15.16
N LEU A 126 15.31 2.91 -15.13
CA LEU A 126 14.05 3.63 -14.81
C LEU A 126 13.22 3.97 -16.06
N ILE A 127 11.94 3.59 -16.08
CA ILE A 127 10.97 4.18 -17.09
C ILE A 127 10.31 5.46 -16.55
N GLY A 128 10.51 6.57 -17.27
CA GLY A 128 9.99 7.82 -16.78
C GLY A 128 10.37 8.95 -17.70
N HIS A 129 9.92 10.15 -17.36
CA HIS A 129 10.07 11.34 -18.21
C HIS A 129 11.24 12.18 -17.72
N ALA A 130 12.23 12.42 -18.60
CA ALA A 130 13.42 13.24 -18.27
C ALA A 130 13.04 14.58 -17.66
N GLY A 131 13.76 14.99 -16.61
CA GLY A 131 13.55 16.29 -16.02
C GLY A 131 12.45 16.37 -14.96
N HIS A 132 11.59 15.36 -14.84
CA HIS A 132 10.53 15.44 -13.83
C HIS A 132 11.16 15.26 -12.44
N PRO A 133 10.74 16.04 -11.38
CA PRO A 133 11.43 15.90 -10.11
C PRO A 133 11.37 14.47 -9.54
N GLU A 134 10.31 13.70 -9.76
CA GLU A 134 10.28 12.30 -9.23
C GLU A 134 11.39 11.46 -9.90
N VAL A 135 11.60 11.64 -11.22
CA VAL A 135 12.67 10.92 -11.93
C VAL A 135 14.02 11.37 -11.38
N GLU A 136 14.22 12.72 -11.21
CA GLU A 136 15.51 13.19 -10.62
C GLU A 136 15.74 12.56 -9.25
N GLY A 137 14.70 12.49 -8.41
CA GLY A 137 14.85 11.87 -7.09
C GLY A 137 15.12 10.36 -7.13
N THR A 138 14.49 9.63 -8.06
CA THR A 138 14.66 8.22 -8.16
C THR A 138 16.04 7.87 -8.76
N MET A 139 16.46 8.61 -9.82
CA MET A 139 17.73 8.34 -10.48
C MET A 139 18.77 8.61 -9.39
N GLY A 140 18.46 9.62 -8.56
CA GLY A 140 19.37 10.10 -7.49
C GLY A 140 19.56 9.19 -6.28
N GLN A 141 18.86 8.06 -6.29
CA GLN A 141 19.11 6.95 -5.32
C GLN A 141 20.24 6.02 -5.74
N TYR A 142 20.72 6.13 -6.96
CA TYR A 142 21.81 5.20 -7.39
C TYR A 142 23.15 5.92 -7.36
N SER A 143 24.18 5.32 -6.80
CA SER A 143 25.48 5.98 -6.77
C SER A 143 26.68 5.09 -7.07
N ASN A 144 26.50 3.77 -7.01
CA ASN A 144 27.59 2.81 -7.29
C ASN A 144 28.09 2.92 -8.73
N PRO A 145 29.34 3.38 -8.92
CA PRO A 145 30.03 3.42 -10.21
C PRO A 145 30.20 2.04 -10.91
N GLU A 146 30.26 0.97 -10.12
CA GLU A 146 30.46 -0.39 -10.66
C GLU A 146 29.26 -0.86 -11.49
N GLY A 147 28.06 -0.36 -11.15
CA GLY A 147 26.87 -0.64 -11.94
C GLY A 147 26.51 0.52 -12.85
N GLY A 148 25.24 0.93 -12.82
CA GLY A 148 24.73 1.94 -13.71
C GLY A 148 23.22 2.14 -13.52
N MET A 149 22.76 3.33 -13.88
CA MET A 149 21.36 3.75 -13.78
C MET A 149 20.98 4.47 -15.05
N TYR A 150 19.98 3.97 -15.78
CA TYR A 150 19.59 4.46 -17.10
C TYR A 150 18.15 4.91 -17.16
N LEU A 151 17.88 6.01 -17.85
CA LEU A 151 16.52 6.42 -18.08
C LEU A 151 15.98 6.04 -19.47
N VAL A 152 14.83 5.36 -19.56
CA VAL A 152 14.15 5.16 -20.84
C VAL A 152 12.72 5.75 -20.76
N GLU A 153 12.26 6.38 -21.86
CA GLU A 153 10.91 6.96 -21.91
C GLU A 153 10.01 6.21 -22.90
N SER A 154 10.56 5.41 -23.79
CA SER A 154 9.78 4.84 -24.93
C SER A 154 10.41 3.53 -25.41
N PRO A 155 9.64 2.70 -26.21
CA PRO A 155 10.32 1.56 -26.82
C PRO A 155 11.60 1.93 -27.62
N ASP A 156 11.59 3.07 -28.34
CA ASP A 156 12.77 3.43 -29.17
C ASP A 156 13.98 3.61 -28.28
N ASP A 157 13.80 4.21 -27.11
CA ASP A 157 14.87 4.33 -26.12
C ASP A 157 15.49 3.00 -25.72
N VAL A 158 14.63 1.99 -25.47
CA VAL A 158 15.06 0.64 -25.09
C VAL A 158 15.92 0.10 -26.24
N TRP A 159 15.42 0.27 -27.46
CA TRP A 159 16.04 -0.28 -28.68
C TRP A 159 17.44 0.28 -28.84
N LYS A 160 17.70 1.46 -28.29
CA LYS A 160 19.08 1.98 -28.39
C LYS A 160 19.97 1.81 -27.14
N LEU A 161 19.41 1.29 -26.04
CA LEU A 161 20.18 1.24 -24.79
C LEU A 161 21.15 0.10 -24.84
N THR A 162 22.38 0.38 -24.43
CA THR A 162 23.35 -0.72 -24.15
C THR A 162 23.73 -0.66 -22.67
N VAL A 163 23.87 -1.81 -22.07
CA VAL A 163 24.27 -1.85 -20.69
C VAL A 163 25.48 -2.70 -20.62
N LYS A 164 26.11 -2.67 -19.45
CA LYS A 164 27.35 -3.39 -19.22
C LYS A 164 27.19 -4.90 -19.01
N ASN A 165 26.13 -5.30 -18.33
CA ASN A 165 25.92 -6.66 -17.92
C ASN A 165 24.43 -6.97 -17.86
N GLU A 166 23.94 -7.54 -18.93
CA GLU A 166 22.49 -7.61 -19.04
C GLU A 166 21.94 -8.86 -18.34
N GLU A 167 22.85 -9.61 -17.75
CA GLU A 167 22.51 -10.84 -16.93
C GLU A 167 22.08 -10.41 -15.52
N LYS A 168 22.51 -9.23 -15.11
CA LYS A 168 22.12 -8.65 -13.80
C LYS A 168 21.49 -7.27 -14.02
N LEU A 169 20.22 -7.24 -14.36
CA LEU A 169 19.59 -5.96 -14.69
C LEU A 169 18.22 -5.91 -14.06
N SER A 170 17.80 -4.75 -13.54
CA SER A 170 16.43 -4.63 -13.11
C SER A 170 15.78 -3.35 -13.67
N PHE A 171 14.46 -3.29 -13.58
CA PHE A 171 13.78 -2.07 -13.92
C PHE A 171 12.81 -1.54 -12.82
N MET A 172 12.53 -0.24 -12.88
CA MET A 172 11.54 0.43 -11.95
C MET A 172 10.78 1.43 -12.81
N THR A 173 9.70 2.01 -12.30
CA THR A 173 8.96 3.04 -13.03
C THR A 173 8.63 4.23 -12.20
N GLN A 174 8.46 5.39 -12.89
CA GLN A 174 7.78 6.52 -12.31
C GLN A 174 6.42 6.08 -11.97
N THR A 175 5.81 6.71 -10.96
CA THR A 175 4.56 6.19 -10.31
C THR A 175 3.33 6.76 -11.11
N THR A 176 3.54 7.76 -11.98
CA THR A 176 2.42 8.55 -12.63
C THR A 176 2.22 8.41 -14.14
N LEU A 177 2.85 7.38 -14.68
CA LEU A 177 2.88 7.16 -16.12
C LEU A 177 1.55 6.69 -16.68
N SER A 178 1.44 6.82 -18.00
CA SER A 178 0.39 6.07 -18.77
C SER A 178 0.52 4.57 -18.55
N VAL A 179 -0.53 3.93 -18.04
CA VAL A 179 -0.53 2.45 -17.85
C VAL A 179 -0.26 1.75 -19.19
N ASP A 180 -0.98 2.15 -20.24
CA ASP A 180 -0.80 1.54 -21.58
C ASP A 180 0.61 1.75 -22.17
N ASP A 181 1.14 2.99 -22.15
CA ASP A 181 2.46 3.24 -22.74
C ASP A 181 3.59 2.53 -22.00
N THR A 182 3.43 2.42 -20.69
CA THR A 182 4.46 1.79 -19.87
C THR A 182 4.51 0.31 -20.21
N SER A 183 3.34 -0.23 -20.47
CA SER A 183 3.23 -1.63 -20.86
C SER A 183 4.00 -1.92 -22.17
N ASP A 184 3.89 -1.01 -23.16
CA ASP A 184 4.72 -1.12 -24.42
C ASP A 184 6.21 -1.13 -24.09
N VAL A 185 6.62 -0.28 -23.13
CA VAL A 185 8.03 -0.09 -22.83
C VAL A 185 8.52 -1.36 -22.12
N ILE A 186 7.73 -1.87 -21.20
CA ILE A 186 8.13 -3.09 -20.50
C ILE A 186 8.25 -4.25 -21.51
N ASP A 187 7.30 -4.36 -22.46
CA ASP A 187 7.37 -5.44 -23.48
C ASP A 187 8.71 -5.34 -24.24
N ALA A 188 9.11 -4.10 -24.61
CA ALA A 188 10.37 -3.86 -25.29
C ALA A 188 11.53 -4.27 -24.41
N LEU A 189 11.52 -3.84 -23.13
CA LEU A 189 12.64 -4.26 -22.23
C LEU A 189 12.82 -5.79 -22.11
N ARG A 190 11.69 -6.50 -21.94
CA ARG A 190 11.79 -7.93 -21.83
C ARG A 190 12.26 -8.61 -23.07
N LYS A 191 11.92 -8.06 -24.24
CA LYS A 191 12.46 -8.59 -25.56
C LYS A 191 13.95 -8.35 -25.74
N ARG A 192 14.38 -7.12 -25.40
CA ARG A 192 15.78 -6.76 -25.54
C ARG A 192 16.66 -7.43 -24.45
N PHE A 193 16.15 -7.50 -23.24
CA PHE A 193 16.95 -7.99 -22.07
C PHE A 193 16.18 -9.13 -21.36
N PRO A 194 16.26 -10.37 -21.89
CA PRO A 194 15.35 -11.44 -21.40
C PRO A 194 15.50 -11.77 -19.91
N LYS A 195 16.65 -11.47 -19.31
CA LYS A 195 16.88 -11.76 -17.88
C LYS A 195 16.56 -10.60 -16.92
N ILE A 196 15.99 -9.52 -17.43
CA ILE A 196 15.68 -8.32 -16.62
C ILE A 196 14.60 -8.73 -15.56
N VAL A 197 14.79 -8.20 -14.36
CA VAL A 197 13.92 -8.44 -13.20
C VAL A 197 13.16 -7.16 -12.85
N GLY A 198 11.90 -7.29 -12.55
CA GLY A 198 11.11 -6.12 -12.14
C GLY A 198 10.01 -6.53 -11.21
N PRO A 199 9.11 -5.58 -10.89
CA PRO A 199 7.92 -5.94 -10.09
C PRO A 199 6.97 -6.75 -10.97
N ARG A 200 5.85 -7.25 -10.44
CA ARG A 200 4.98 -8.05 -11.27
C ARG A 200 4.49 -7.31 -12.53
N LYS A 201 4.17 -6.02 -12.38
CA LYS A 201 3.69 -5.25 -13.50
C LYS A 201 4.56 -3.99 -13.66
N ASP A 202 4.47 -3.05 -12.73
CA ASP A 202 5.24 -1.77 -12.82
C ASP A 202 5.10 -1.07 -11.42
N ASP A 203 5.60 0.16 -11.31
CA ASP A 203 5.55 0.91 -10.06
C ASP A 203 4.54 1.98 -10.16
N ILE A 204 3.68 1.91 -11.18
CA ILE A 204 2.54 2.90 -11.28
C ILE A 204 1.63 2.72 -10.06
N CYS A 205 1.31 3.84 -9.39
CA CYS A 205 0.62 3.74 -8.13
C CYS A 205 -0.90 3.49 -8.34
N TYR A 206 -1.58 3.14 -7.25
CA TYR A 206 -3.02 2.74 -7.29
C TYR A 206 -3.81 3.97 -7.84
N ALA A 207 -3.39 5.15 -7.45
CA ALA A 207 -4.19 6.33 -7.71
C ALA A 207 -4.12 6.66 -9.21
N THR A 208 -2.94 6.46 -9.82
CA THR A 208 -2.72 6.78 -11.27
C THR A 208 -3.47 5.72 -12.05
N THR A 209 -3.26 4.47 -11.65
CA THR A 209 -4.05 3.40 -12.35
C THR A 209 -5.56 3.69 -12.29
N ASN A 210 -6.09 3.96 -11.10
CA ASN A 210 -7.57 4.18 -10.94
C ASN A 210 -8.08 5.39 -11.72
N ARG A 211 -7.36 6.49 -11.69
CA ARG A 211 -7.86 7.68 -12.32
C ARG A 211 -7.83 7.57 -13.84
N GLN A 212 -6.84 6.83 -14.35
CA GLN A 212 -6.86 6.44 -15.79
C GLN A 212 -8.02 5.53 -16.14
N GLU A 213 -8.23 4.52 -15.33
CA GLU A 213 -9.38 3.62 -15.58
C GLU A 213 -10.67 4.44 -15.54
N ALA A 214 -10.81 5.32 -14.54
CA ALA A 214 -11.99 6.22 -14.44
C ALA A 214 -12.19 7.16 -15.64
N VAL A 215 -11.12 7.73 -16.14
CA VAL A 215 -11.24 8.68 -17.25
C VAL A 215 -11.57 7.91 -18.56
N ARG A 216 -11.09 6.67 -18.69
CA ARG A 216 -11.51 5.81 -19.86
C ARG A 216 -13.05 5.62 -19.84
N ALA A 217 -13.59 5.38 -18.66
CA ALA A 217 -15.04 5.15 -18.52
C ALA A 217 -15.82 6.44 -18.80
N LEU A 218 -15.24 7.56 -18.37
CA LEU A 218 -15.86 8.89 -18.59
C LEU A 218 -15.88 9.20 -20.09
N ALA A 219 -14.73 9.00 -20.75
CA ALA A 219 -14.53 9.39 -22.15
C ALA A 219 -15.41 8.55 -23.05
N GLU A 220 -15.83 7.38 -22.56
CA GLU A 220 -16.73 6.51 -23.33
C GLU A 220 -18.11 7.19 -23.50
N GLN A 221 -18.52 7.91 -22.46
CA GLN A 221 -19.81 8.60 -22.35
C GLN A 221 -19.83 10.08 -22.79
N ALA A 222 -18.70 10.77 -22.68
CA ALA A 222 -18.66 12.20 -22.85
C ALA A 222 -18.01 12.59 -24.17
N GLU A 223 -18.50 13.64 -24.80
CA GLU A 223 -17.94 14.21 -26.02
C GLU A 223 -16.69 15.01 -25.68
N VAL A 224 -16.70 15.64 -24.50
CA VAL A 224 -15.65 16.56 -24.09
C VAL A 224 -15.27 16.24 -22.68
N VAL A 225 -13.96 16.14 -22.40
CA VAL A 225 -13.48 15.88 -21.01
C VAL A 225 -12.65 17.05 -20.49
N LEU A 226 -12.97 17.59 -19.31
CA LEU A 226 -12.16 18.64 -18.70
C LEU A 226 -11.38 17.95 -17.59
N VAL A 227 -10.05 18.11 -17.59
CA VAL A 227 -9.28 17.53 -16.49
C VAL A 227 -8.75 18.69 -15.67
N VAL A 228 -9.23 18.75 -14.41
CA VAL A 228 -8.70 19.72 -13.47
C VAL A 228 -7.29 19.38 -13.01
N GLY A 229 -6.35 20.25 -13.38
CA GLY A 229 -4.98 20.00 -12.93
C GLY A 229 -3.98 20.96 -13.55
N SER A 230 -2.81 21.14 -12.93
CA SER A 230 -1.87 22.12 -13.45
C SER A 230 -1.00 21.57 -14.57
N LYS A 231 -0.44 22.48 -15.40
CA LYS A 231 0.31 22.07 -16.60
C LYS A 231 1.50 21.17 -16.28
N ASN A 232 2.06 21.30 -15.08
CA ASN A 232 3.26 20.57 -14.76
C ASN A 232 2.90 19.33 -13.96
N SER A 233 1.63 19.04 -13.80
CA SER A 233 1.25 17.70 -13.18
C SER A 233 1.30 16.57 -14.23
N SER A 234 2.24 15.65 -14.05
CA SER A 234 2.47 14.51 -14.89
C SER A 234 1.15 13.70 -14.92
N ASN A 235 0.66 13.37 -13.73
CA ASN A 235 -0.45 12.41 -13.72
C ASN A 235 -1.70 13.09 -14.36
N SER A 236 -1.88 14.38 -14.10
CA SER A 236 -3.01 15.11 -14.72
C SER A 236 -2.93 15.10 -16.26
N ASN A 237 -1.72 15.32 -16.80
CA ASN A 237 -1.53 15.35 -18.26
C ASN A 237 -1.88 13.95 -18.84
N ARG A 238 -1.58 12.86 -18.12
CA ARG A 238 -1.90 11.50 -18.60
C ARG A 238 -3.40 11.29 -18.75
N LEU A 239 -4.21 11.95 -17.90
CA LEU A 239 -5.69 11.84 -18.00
C LEU A 239 -6.20 12.51 -19.22
N ALA A 240 -5.64 13.71 -19.50
CA ALA A 240 -6.14 14.48 -20.67
C ALA A 240 -5.73 13.72 -21.93
N GLU A 241 -4.49 13.18 -21.89
CA GLU A 241 -3.93 12.46 -23.08
C GLU A 241 -4.76 11.24 -23.36
N LEU A 242 -5.15 10.53 -22.31
CA LEU A 242 -5.93 9.30 -22.52
C LEU A 242 -7.27 9.59 -23.23
N ALA A 243 -7.98 10.62 -22.77
CA ALA A 243 -9.25 11.02 -23.36
C ALA A 243 -9.12 11.42 -24.82
N GLN A 244 -8.07 12.20 -25.12
CA GLN A 244 -7.79 12.64 -26.44
C GLN A 244 -7.50 11.50 -27.38
N ARG A 245 -6.72 10.52 -26.92
CA ARG A 245 -6.43 9.31 -27.67
C ARG A 245 -7.68 8.46 -28.01
N MET A 246 -8.71 8.61 -27.19
CA MET A 246 -10.02 7.97 -27.42
C MET A 246 -10.89 8.79 -28.36
N GLY A 247 -10.35 9.95 -28.79
CA GLY A 247 -10.94 10.75 -29.88
C GLY A 247 -11.89 11.79 -29.33
N LYS A 248 -11.83 12.02 -28.04
CA LYS A 248 -12.62 13.02 -27.40
C LYS A 248 -11.79 14.31 -27.26
N ARG A 249 -12.43 15.46 -27.40
CA ARG A 249 -11.71 16.74 -27.16
C ARG A 249 -11.40 16.80 -25.63
N ALA A 250 -10.17 17.09 -25.22
CA ALA A 250 -9.83 17.11 -23.80
C ALA A 250 -8.97 18.30 -23.48
N PHE A 251 -9.26 18.92 -22.35
CA PHE A 251 -8.53 20.09 -21.89
C PHE A 251 -8.06 19.95 -20.45
N LEU A 252 -6.82 20.35 -20.20
CA LEU A 252 -6.29 20.41 -18.85
C LEU A 252 -6.43 21.85 -18.43
N ILE A 253 -7.09 22.11 -17.29
CA ILE A 253 -7.43 23.49 -16.91
C ILE A 253 -7.10 23.57 -15.41
N ASP A 254 -6.55 24.71 -14.97
CA ASP A 254 -6.37 24.98 -13.53
C ASP A 254 -7.63 25.23 -12.75
N ASP A 255 -8.57 25.91 -13.39
CA ASP A 255 -9.77 26.32 -12.72
C ASP A 255 -10.88 26.76 -13.72
N ALA A 256 -12.05 27.07 -13.19
CA ALA A 256 -13.21 27.31 -14.02
C ALA A 256 -13.04 28.51 -15.00
N LYS A 257 -12.22 29.51 -14.66
CA LYS A 257 -11.93 30.61 -15.57
C LYS A 257 -11.27 30.19 -16.87
N ASP A 258 -10.70 28.96 -16.96
CA ASP A 258 -9.99 28.51 -18.16
C ASP A 258 -10.94 27.98 -19.19
N ILE A 259 -12.17 27.71 -18.76
CA ILE A 259 -13.18 27.17 -19.66
C ILE A 259 -13.55 28.22 -20.74
N GLN A 260 -13.39 27.83 -21.99
CA GLN A 260 -13.85 28.62 -23.14
C GLN A 260 -15.22 28.09 -23.59
N GLU A 261 -16.19 28.98 -23.82
CA GLU A 261 -17.56 28.56 -24.18
C GLU A 261 -17.66 27.65 -25.45
N GLU A 262 -16.82 27.91 -26.46
CA GLU A 262 -16.79 27.10 -27.70
C GLU A 262 -16.54 25.61 -27.39
N TRP A 263 -15.75 25.33 -26.35
CA TRP A 263 -15.41 23.95 -26.00
C TRP A 263 -16.64 23.15 -25.72
N VAL A 264 -17.66 23.79 -25.17
CA VAL A 264 -18.85 23.07 -24.73
C VAL A 264 -20.16 23.45 -25.47
N LYS A 265 -20.07 24.37 -26.41
CA LYS A 265 -21.24 24.78 -27.18
C LYS A 265 -21.82 23.61 -28.01
N GLU A 266 -23.11 23.33 -27.83
CA GLU A 266 -23.84 22.25 -28.56
C GLU A 266 -23.40 20.82 -28.19
N VAL A 267 -22.59 20.72 -27.12
CA VAL A 267 -22.15 19.46 -26.54
C VAL A 267 -23.27 18.90 -25.66
N LYS A 268 -23.65 17.65 -25.87
CA LYS A 268 -24.74 17.08 -25.07
C LYS A 268 -24.27 16.46 -23.76
N CYS A 269 -23.00 16.06 -23.73
CA CYS A 269 -22.45 15.38 -22.58
C CYS A 269 -20.99 15.81 -22.36
N VAL A 270 -20.74 16.44 -21.22
CA VAL A 270 -19.38 16.86 -20.86
C VAL A 270 -18.93 16.10 -19.62
N GLY A 271 -17.68 15.64 -19.60
CA GLY A 271 -17.15 14.91 -18.46
C GLY A 271 -16.12 15.75 -17.69
N VAL A 272 -16.05 15.59 -16.39
CA VAL A 272 -15.06 16.35 -15.62
C VAL A 272 -14.25 15.38 -14.74
N THR A 273 -12.93 15.55 -14.64
CA THR A 273 -12.18 14.73 -13.66
C THR A 273 -11.12 15.64 -13.13
N ALA A 274 -10.25 15.11 -12.28
CA ALA A 274 -9.22 15.88 -11.66
C ALA A 274 -8.07 14.97 -11.41
N GLY A 275 -6.92 15.56 -11.54
CA GLY A 275 -5.64 14.92 -11.25
C GLY A 275 -5.45 14.66 -9.74
N ALA A 276 -4.41 13.93 -9.39
CA ALA A 276 -4.29 13.51 -8.01
C ALA A 276 -3.89 14.68 -7.07
N SER A 277 -3.36 15.78 -7.63
CA SER A 277 -2.96 16.99 -6.88
C SER A 277 -4.01 18.18 -6.83
N ALA A 278 -5.17 18.02 -7.53
CA ALA A 278 -6.28 19.00 -7.65
C ALA A 278 -7.34 18.91 -6.52
N PRO A 279 -7.48 19.96 -5.65
CA PRO A 279 -8.55 19.91 -4.60
C PRO A 279 -9.95 19.94 -5.17
N ASP A 280 -10.87 19.35 -4.43
CA ASP A 280 -12.25 19.18 -4.88
C ASP A 280 -12.97 20.50 -5.07
N ILE A 281 -12.61 21.55 -4.32
CA ILE A 281 -13.19 22.87 -4.57
C ILE A 281 -13.06 23.33 -6.03
N LEU A 282 -11.89 23.09 -6.66
CA LEU A 282 -11.71 23.45 -8.03
C LEU A 282 -12.72 22.77 -8.96
N VAL A 283 -13.01 21.50 -8.67
CA VAL A 283 -13.98 20.69 -9.44
C VAL A 283 -15.39 21.27 -9.23
N GLN A 284 -15.72 21.60 -7.98
CA GLN A 284 -17.06 22.18 -7.65
C GLN A 284 -17.24 23.47 -8.48
N ASN A 285 -16.19 24.30 -8.54
CA ASN A 285 -16.28 25.55 -9.31
C ASN A 285 -16.36 25.35 -10.80
N VAL A 286 -15.74 24.29 -11.27
CA VAL A 286 -15.86 23.95 -12.69
C VAL A 286 -17.28 23.53 -13.01
N VAL A 287 -17.86 22.72 -12.13
CA VAL A 287 -19.23 22.28 -12.36
C VAL A 287 -20.09 23.49 -12.36
N ALA A 288 -19.77 24.45 -11.46
CA ALA A 288 -20.66 25.60 -11.33
C ALA A 288 -20.67 26.39 -12.64
N ARG A 289 -19.48 26.51 -13.27
CA ARG A 289 -19.31 27.24 -14.52
C ARG A 289 -20.02 26.50 -15.66
N LEU A 290 -19.90 25.18 -15.70
CA LEU A 290 -20.61 24.41 -16.75
C LEU A 290 -22.14 24.52 -16.62
N GLN A 291 -22.64 24.67 -15.40
CA GLN A 291 -24.08 24.92 -15.13
C GLN A 291 -24.56 26.28 -15.69
N GLN A 292 -23.66 27.24 -15.68
CA GLN A 292 -23.92 28.54 -16.27
C GLN A 292 -24.01 28.41 -17.80
N LEU A 293 -23.31 27.43 -18.35
CA LEU A 293 -23.30 27.20 -19.78
C LEU A 293 -24.28 26.11 -20.22
N GLY A 294 -25.21 25.77 -19.34
CA GLY A 294 -26.30 24.89 -19.76
C GLY A 294 -26.33 23.51 -19.13
N GLY A 295 -25.34 23.21 -18.31
CA GLY A 295 -25.28 21.90 -17.66
C GLY A 295 -26.33 21.72 -16.59
N GLY A 296 -26.72 20.47 -16.32
CA GLY A 296 -27.63 20.16 -15.23
C GLY A 296 -26.86 19.69 -14.00
N GLU A 297 -27.56 18.98 -13.13
CA GLU A 297 -26.95 18.37 -11.94
C GLU A 297 -25.75 17.51 -12.36
N ALA A 298 -24.65 17.59 -11.63
CA ALA A 298 -23.52 16.75 -11.99
C ALA A 298 -23.82 15.36 -11.54
N ILE A 299 -23.64 14.42 -12.46
CA ILE A 299 -23.87 13.02 -12.12
C ILE A 299 -22.56 12.27 -11.88
N PRO A 300 -22.35 11.73 -10.67
CA PRO A 300 -21.09 11.01 -10.55
C PRO A 300 -21.13 9.54 -11.09
N LEU A 301 -20.14 9.13 -11.88
CA LEU A 301 -20.09 7.73 -12.33
C LEU A 301 -19.73 6.81 -11.17
N GLU A 302 -20.17 5.56 -11.24
CA GLU A 302 -19.77 4.54 -10.25
C GLU A 302 -18.28 4.32 -10.41
N GLY A 303 -17.50 4.15 -9.34
CA GLY A 303 -16.08 3.85 -9.52
C GLY A 303 -15.54 2.87 -8.54
N ARG A 304 -14.32 2.40 -8.79
CA ARG A 304 -13.55 1.58 -7.92
C ARG A 304 -13.31 2.38 -6.61
N GLU A 305 -13.55 1.70 -5.48
CA GLU A 305 -13.43 2.22 -4.16
C GLU A 305 -11.92 2.40 -3.93
N GLU A 306 -11.55 3.53 -3.32
CA GLU A 306 -10.22 3.69 -2.76
C GLU A 306 -10.33 3.77 -1.26
N ASN A 307 -9.45 3.09 -0.52
CA ASN A 307 -9.58 3.15 0.93
C ASN A 307 -8.25 3.45 1.61
N ILE A 308 -7.21 3.77 0.81
CA ILE A 308 -5.87 4.00 1.44
C ILE A 308 -5.70 5.43 1.99
N VAL A 309 -5.22 5.53 3.22
CA VAL A 309 -4.88 6.84 3.83
C VAL A 309 -3.43 6.73 4.33
N PHE A 310 -2.65 7.80 4.19
CA PHE A 310 -1.30 7.82 4.72
C PHE A 310 -1.19 8.91 5.79
N GLU A 311 -0.85 8.55 7.04
CA GLU A 311 -0.91 9.56 8.15
C GLU A 311 0.32 10.49 8.13
N VAL A 312 0.19 11.71 8.62
CA VAL A 312 1.40 12.58 8.78
C VAL A 312 2.30 11.98 9.89
N PRO A 313 3.58 12.35 9.91
CA PRO A 313 4.49 11.85 10.96
C PRO A 313 3.94 12.30 12.32
N LYS A 314 4.14 11.48 13.35
CA LYS A 314 3.58 11.74 14.69
C LYS A 314 4.00 13.10 15.18
N GLU A 315 5.22 13.48 14.83
CA GLU A 315 5.82 14.75 15.20
C GLU A 315 5.03 15.95 14.69
N LEU A 316 4.16 15.73 13.69
CA LEU A 316 3.39 16.79 13.05
C LEU A 316 1.87 16.70 13.32
N ARG A 317 1.54 15.78 14.22
CA ARG A 317 0.36 15.87 15.09
C ARG A 317 -0.36 14.55 15.30
N MET B 9 13.36 -5.30 37.56
CA MET B 9 12.98 -5.81 36.18
C MET B 9 12.55 -4.70 35.26
N GLN B 10 13.21 -4.61 34.13
CA GLN B 10 12.92 -3.60 33.16
C GLN B 10 11.97 -4.24 32.15
N ILE B 11 10.89 -3.52 31.81
CA ILE B 11 9.94 -3.92 30.74
C ILE B 11 10.16 -3.09 29.49
N LEU B 12 10.39 -3.78 28.36
CA LEU B 12 10.70 -3.18 27.10
C LEU B 12 9.53 -3.45 26.23
N LEU B 13 9.12 -2.48 25.45
CA LEU B 13 8.02 -2.74 24.51
C LEU B 13 8.48 -2.59 23.09
N ALA B 14 8.16 -3.58 22.27
CA ALA B 14 8.55 -3.59 20.83
C ALA B 14 7.76 -2.57 20.05
N ASN B 15 8.43 -1.92 19.07
CA ASN B 15 7.69 -0.96 18.16
C ASN B 15 8.17 -1.13 16.74
N PRO B 16 7.22 -1.39 15.82
CA PRO B 16 5.74 -1.52 15.95
C PRO B 16 5.29 -2.82 16.64
N ARG B 17 4.07 -2.85 17.18
CA ARG B 17 3.47 -4.02 17.79
C ARG B 17 1.98 -3.84 17.62
N GLY B 18 1.17 -4.90 17.69
CA GLY B 18 -0.28 -4.70 17.90
C GLY B 18 -0.87 -4.46 16.51
N PHE B 19 -2.02 -3.79 16.49
CA PHE B 19 -2.87 -3.69 15.28
C PHE B 19 -2.20 -3.16 14.08
N CYS B 20 -2.40 -3.86 12.96
CA CYS B 20 -2.11 -3.38 11.66
C CYS B 20 -3.33 -2.67 11.01
N ALA B 21 -3.10 -2.12 9.80
CA ALA B 21 -4.19 -1.38 9.08
C ALA B 21 -5.35 -2.32 8.70
N GLY B 22 -5.03 -3.58 8.30
CA GLY B 22 -6.06 -4.55 7.83
C GLY B 22 -6.94 -4.94 8.98
N VAL B 23 -6.32 -5.11 10.15
CA VAL B 23 -7.09 -5.54 11.34
C VAL B 23 -7.93 -4.41 11.88
N ASP B 24 -7.42 -3.17 11.85
CA ASP B 24 -8.21 -2.02 12.31
C ASP B 24 -9.45 -1.92 11.45
N ARG B 25 -9.26 -2.08 10.16
CA ARG B 25 -10.38 -1.99 9.26
C ARG B 25 -11.40 -3.11 9.45
N ALA B 26 -10.93 -4.35 9.56
CA ALA B 26 -11.83 -5.53 9.60
C ALA B 26 -12.71 -5.46 10.87
N ILE B 27 -12.10 -5.02 12.01
CA ILE B 27 -12.85 -4.94 13.29
C ILE B 27 -13.83 -3.82 13.17
N SER B 28 -13.37 -2.69 12.63
CA SER B 28 -14.31 -1.57 12.45
C SER B 28 -15.50 -1.93 11.57
N ILE B 29 -15.28 -2.79 10.57
CA ILE B 29 -16.35 -3.23 9.68
C ILE B 29 -17.40 -3.95 10.48
N VAL B 30 -16.99 -4.87 11.33
CA VAL B 30 -17.99 -5.58 12.18
C VAL B 30 -18.69 -4.64 13.16
N GLU B 31 -17.93 -3.78 13.87
CA GLU B 31 -18.52 -2.92 14.89
C GLU B 31 -19.52 -1.98 14.23
N ASN B 32 -19.20 -1.47 13.06
CA ASN B 32 -20.02 -0.43 12.43
C ASN B 32 -21.27 -1.04 11.86
N ALA B 33 -21.13 -2.25 11.32
CA ALA B 33 -22.33 -3.02 10.83
C ALA B 33 -23.26 -3.32 12.00
N LEU B 34 -22.69 -3.69 13.13
CA LEU B 34 -23.49 -3.87 14.35
C LEU B 34 -24.21 -2.55 14.75
N ALA B 35 -23.48 -1.42 14.77
CA ALA B 35 -24.12 -0.09 14.99
C ALA B 35 -25.18 0.32 13.95
N ILE B 36 -24.96 0.10 12.66
CA ILE B 36 -25.88 0.60 11.65
C ILE B 36 -27.14 -0.28 11.61
N TYR B 37 -26.90 -1.59 11.62
CA TYR B 37 -27.97 -2.58 11.46
C TYR B 37 -28.49 -3.30 12.70
N GLY B 38 -27.77 -3.26 13.81
CA GLY B 38 -28.14 -4.06 15.00
C GLY B 38 -27.74 -5.53 14.88
N ALA B 39 -27.87 -6.25 15.99
CA ALA B 39 -27.59 -7.68 16.04
C ALA B 39 -28.80 -8.40 15.45
N PRO B 40 -28.58 -9.55 14.77
CA PRO B 40 -27.28 -10.22 14.60
C PRO B 40 -26.57 -9.72 13.33
N ILE B 41 -25.25 -9.82 13.30
CA ILE B 41 -24.47 -9.67 12.08
C ILE B 41 -23.69 -10.96 12.02
N TYR B 42 -23.75 -11.61 10.87
CA TYR B 42 -23.00 -12.86 10.67
C TYR B 42 -21.60 -12.60 10.13
N VAL B 43 -20.60 -13.35 10.63
CA VAL B 43 -19.23 -13.24 10.13
C VAL B 43 -18.68 -14.60 9.83
N ARG B 44 -18.20 -14.73 8.59
CA ARG B 44 -17.61 -15.99 8.12
C ARG B 44 -16.16 -16.17 8.61
N HIS B 45 -15.94 -17.12 9.55
CA HIS B 45 -14.65 -17.28 10.24
C HIS B 45 -14.42 -16.14 11.24
N GLU B 46 -13.66 -16.42 12.29
CA GLU B 46 -13.22 -15.36 13.21
C GLU B 46 -12.74 -14.16 12.37
N VAL B 47 -13.31 -12.98 12.63
CA VAL B 47 -12.95 -11.82 11.84
C VAL B 47 -11.39 -11.59 11.80
N VAL B 48 -10.74 -11.75 12.93
CA VAL B 48 -9.26 -11.86 13.03
C VAL B 48 -9.03 -12.96 14.08
N HIS B 49 -7.79 -13.48 14.16
CA HIS B 49 -7.46 -14.60 15.08
C HIS B 49 -7.05 -14.09 16.43
N ASN B 50 -8.00 -13.50 17.11
CA ASN B 50 -7.79 -13.09 18.50
C ASN B 50 -9.04 -13.38 19.36
N ARG B 51 -8.86 -14.19 20.40
CA ARG B 51 -9.94 -14.63 21.20
C ARG B 51 -10.61 -13.48 21.92
N TYR B 52 -9.86 -12.52 22.48
CA TYR B 52 -10.50 -11.30 23.08
C TYR B 52 -11.39 -10.48 22.10
N VAL B 53 -10.88 -10.16 20.89
CA VAL B 53 -11.68 -9.51 19.82
C VAL B 53 -12.93 -10.32 19.44
N VAL B 54 -12.72 -11.60 19.16
CA VAL B 54 -13.83 -12.47 18.78
C VAL B 54 -14.93 -12.53 19.88
N ASP B 55 -14.52 -12.80 21.14
CA ASP B 55 -15.47 -12.98 22.26
C ASP B 55 -16.20 -11.64 22.49
N SER B 56 -15.45 -10.54 22.36
CA SER B 56 -16.02 -9.22 22.57
C SER B 56 -17.11 -8.94 21.51
N LEU B 57 -16.84 -9.25 20.25
CA LEU B 57 -17.87 -8.98 19.20
C LEU B 57 -19.06 -9.97 19.32
N ARG B 58 -18.81 -11.18 19.80
CA ARG B 58 -19.92 -12.13 19.99
C ARG B 58 -20.91 -11.58 21.02
N GLU B 59 -20.35 -11.03 22.09
CA GLU B 59 -21.09 -10.44 23.23
C GLU B 59 -21.91 -9.24 22.75
N ARG B 60 -21.42 -8.50 21.77
CA ARG B 60 -22.16 -7.45 21.11
C ARG B 60 -23.17 -7.93 20.02
N GLY B 61 -23.20 -9.23 19.75
CA GLY B 61 -24.24 -9.84 18.88
C GLY B 61 -23.75 -10.28 17.49
N ALA B 62 -22.44 -10.29 17.26
CA ALA B 62 -21.87 -10.87 16.04
C ALA B 62 -21.92 -12.37 16.18
N ILE B 63 -22.35 -13.06 15.11
CA ILE B 63 -22.41 -14.50 15.14
C ILE B 63 -21.37 -15.02 14.15
N PHE B 64 -20.41 -15.83 14.64
CA PHE B 64 -19.33 -16.38 13.82
C PHE B 64 -19.73 -17.72 13.29
N ILE B 65 -19.66 -17.87 11.98
CA ILE B 65 -20.17 -19.11 11.35
C ILE B 65 -19.10 -19.66 10.43
N GLU B 66 -19.29 -20.90 10.01
CA GLU B 66 -18.23 -21.54 9.27
C GLU B 66 -18.55 -21.60 7.80
N GLN B 67 -19.84 -21.72 7.49
CA GLN B 67 -20.33 -21.93 6.12
C GLN B 67 -21.46 -20.99 5.86
N ILE B 68 -21.54 -20.48 4.62
CA ILE B 68 -22.54 -19.47 4.29
C ILE B 68 -23.96 -20.04 4.47
N SER B 69 -24.08 -21.34 4.30
CA SER B 69 -25.42 -21.96 4.33
C SER B 69 -26.07 -21.79 5.71
N GLU B 70 -25.28 -21.45 6.73
CA GLU B 70 -25.80 -21.26 8.09
C GLU B 70 -26.42 -19.88 8.28
N VAL B 71 -26.30 -19.02 7.28
CA VAL B 71 -26.73 -17.64 7.36
C VAL B 71 -28.08 -17.54 6.67
N PRO B 72 -29.06 -16.96 7.37
CA PRO B 72 -30.44 -16.91 6.83
C PRO B 72 -30.58 -15.83 5.77
N ASP B 73 -31.61 -15.88 4.93
CA ASP B 73 -31.82 -14.79 3.98
C ASP B 73 -32.13 -13.49 4.71
N GLY B 74 -31.83 -12.39 4.03
CA GLY B 74 -32.11 -11.07 4.56
C GLY B 74 -30.99 -10.64 5.48
N ALA B 75 -30.04 -11.54 5.77
CA ALA B 75 -28.93 -11.21 6.71
C ALA B 75 -27.79 -10.38 6.10
N ILE B 76 -27.00 -9.78 7.00
CA ILE B 76 -25.73 -9.12 6.71
C ILE B 76 -24.62 -10.16 7.02
N LEU B 77 -23.73 -10.36 6.07
CA LEU B 77 -22.62 -11.32 6.22
C LEU B 77 -21.28 -10.62 5.98
N ILE B 78 -20.25 -10.89 6.80
CA ILE B 78 -18.97 -10.09 6.70
C ILE B 78 -17.97 -11.20 6.41
N PHE B 79 -17.10 -11.07 5.39
CA PHE B 79 -15.96 -12.01 5.21
C PHE B 79 -14.81 -11.54 6.09
N SER B 80 -14.10 -12.48 6.73
CA SER B 80 -12.95 -12.13 7.61
C SER B 80 -11.75 -11.51 6.94
N ALA B 81 -10.81 -10.98 7.74
CA ALA B 81 -9.66 -10.27 7.14
C ALA B 81 -8.78 -11.19 6.30
N HIS B 82 -8.88 -12.52 6.58
CA HIS B 82 -8.01 -13.58 5.97
C HIS B 82 -8.35 -13.76 4.51
N GLY B 83 -9.56 -13.30 4.08
CA GLY B 83 -10.00 -13.51 2.65
C GLY B 83 -10.74 -14.83 2.44
N VAL B 84 -11.32 -14.97 1.23
CA VAL B 84 -12.20 -16.15 0.95
C VAL B 84 -12.01 -16.53 -0.49
N SER B 85 -12.24 -17.78 -0.80
CA SER B 85 -12.17 -18.27 -2.18
C SER B 85 -13.22 -17.64 -3.07
N GLN B 86 -13.01 -17.79 -4.37
CA GLN B 86 -14.01 -17.42 -5.32
C GLN B 86 -15.27 -18.21 -5.09
N ALA B 87 -15.14 -19.50 -4.71
CA ALA B 87 -16.36 -20.31 -4.54
C ALA B 87 -17.20 -19.75 -3.41
N VAL B 88 -16.54 -19.32 -2.32
CA VAL B 88 -17.27 -18.75 -1.18
C VAL B 88 -17.89 -17.43 -1.59
N ARG B 89 -17.11 -16.58 -2.25
CA ARG B 89 -17.63 -15.31 -2.73
C ARG B 89 -18.87 -15.48 -3.63
N ASN B 90 -18.82 -16.41 -4.58
CA ASN B 90 -19.99 -16.61 -5.53
C ASN B 90 -21.25 -17.18 -4.94
N GLU B 91 -21.06 -18.10 -4.02
CA GLU B 91 -22.12 -18.61 -3.24
C GLU B 91 -22.82 -17.46 -2.46
N ALA B 92 -22.05 -16.58 -1.81
CA ALA B 92 -22.67 -15.43 -1.14
C ALA B 92 -23.39 -14.51 -2.16
N LYS B 93 -22.76 -14.26 -3.32
CA LYS B 93 -23.38 -13.47 -4.42
C LYS B 93 -24.75 -14.03 -4.83
N SER B 94 -24.83 -15.33 -5.00
CA SER B 94 -26.09 -15.93 -5.45
C SER B 94 -27.23 -15.83 -4.42
N ARG B 95 -26.90 -15.57 -3.16
CA ARG B 95 -27.89 -15.59 -2.09
C ARG B 95 -28.46 -14.21 -1.77
N ASP B 96 -29.60 -14.23 -1.11
CA ASP B 96 -30.27 -12.99 -0.70
C ASP B 96 -29.60 -12.46 0.58
N LEU B 97 -28.34 -12.02 0.46
CA LEU B 97 -27.54 -11.51 1.58
C LEU B 97 -26.94 -10.14 1.21
N THR B 98 -26.74 -9.27 2.20
CA THR B 98 -25.94 -8.06 2.04
C THR B 98 -24.52 -8.46 2.53
N VAL B 99 -23.54 -8.37 1.64
CA VAL B 99 -22.19 -8.82 1.96
C VAL B 99 -21.25 -7.65 2.09
N PHE B 100 -20.51 -7.59 3.19
CA PHE B 100 -19.41 -6.65 3.29
C PHE B 100 -18.12 -7.45 3.37
N ASP B 101 -17.09 -7.00 2.67
CA ASP B 101 -15.88 -7.85 2.59
C ASP B 101 -14.78 -7.27 3.50
N ALA B 102 -14.46 -7.88 4.66
CA ALA B 102 -13.32 -7.31 5.45
C ALA B 102 -11.94 -7.82 5.04
N THR B 103 -11.82 -8.51 3.91
CA THR B 103 -10.50 -9.05 3.52
C THR B 103 -9.53 -7.89 3.53
N CYS B 104 -8.36 -8.04 4.14
CA CYS B 104 -7.35 -6.99 4.02
C CYS B 104 -7.00 -6.64 2.56
N PRO B 105 -6.88 -5.33 2.19
CA PRO B 105 -6.42 -5.06 0.80
C PRO B 105 -5.14 -5.77 0.40
N LEU B 106 -4.23 -6.01 1.34
CA LEU B 106 -2.91 -6.60 1.07
C LEU B 106 -3.02 -8.12 0.75
N VAL B 107 -4.10 -8.74 1.21
CA VAL B 107 -4.45 -10.08 0.81
C VAL B 107 -5.20 -10.01 -0.51
N THR B 108 -6.14 -9.09 -0.66
CA THR B 108 -6.81 -8.95 -2.01
C THR B 108 -5.79 -8.77 -3.16
N LYS B 109 -4.72 -8.01 -2.90
CA LYS B 109 -3.61 -7.80 -3.92
C LYS B 109 -2.98 -9.16 -4.43
N VAL B 110 -2.73 -10.09 -3.50
CA VAL B 110 -2.23 -11.44 -3.88
C VAL B 110 -3.32 -12.19 -4.70
N HIS B 111 -4.57 -12.15 -4.22
CA HIS B 111 -5.72 -12.81 -4.93
C HIS B 111 -5.79 -12.36 -6.37
N MET B 112 -5.62 -11.06 -6.62
CA MET B 112 -5.73 -10.54 -7.99
C MET B 112 -4.69 -11.21 -8.93
N GLU B 113 -3.49 -11.43 -8.39
CA GLU B 113 -2.35 -12.05 -9.11
C GLU B 113 -2.57 -13.52 -9.40
N VAL B 114 -3.15 -14.23 -8.44
CA VAL B 114 -3.51 -15.63 -8.64
C VAL B 114 -4.58 -15.76 -9.74
N ALA B 115 -5.63 -14.92 -9.67
CA ALA B 115 -6.66 -14.87 -10.72
C ALA B 115 -6.11 -14.58 -12.13
N ARG B 116 -5.15 -13.64 -12.26
CA ARG B 116 -4.52 -13.37 -13.54
C ARG B 116 -3.92 -14.66 -14.08
N ALA B 117 -3.11 -15.27 -13.24
CA ALA B 117 -2.38 -16.44 -13.61
C ALA B 117 -3.39 -17.52 -14.08
N SER B 118 -4.53 -17.61 -13.39
CA SER B 118 -5.57 -18.58 -13.73
C SER B 118 -6.12 -18.32 -15.14
N ARG B 119 -6.57 -17.09 -15.36
CA ARG B 119 -7.04 -16.66 -16.69
C ARG B 119 -6.06 -17.07 -17.76
N ARG B 120 -4.77 -17.05 -17.44
CA ARG B 120 -3.71 -17.36 -18.42
C ARG B 120 -3.42 -18.85 -18.59
N GLY B 121 -3.95 -19.66 -17.66
CA GLY B 121 -3.70 -21.10 -17.66
C GLY B 121 -2.23 -21.35 -17.41
N GLU B 122 -1.63 -20.48 -16.62
CA GLU B 122 -0.24 -20.60 -16.33
C GLU B 122 -0.17 -20.93 -14.88
N GLU B 123 0.71 -21.87 -14.56
CA GLU B 123 0.80 -22.44 -13.21
C GLU B 123 1.37 -21.45 -12.19
N SER B 124 0.91 -21.61 -10.93
CA SER B 124 1.26 -20.71 -9.85
C SER B 124 1.59 -21.54 -8.66
N ILE B 125 2.59 -21.09 -7.90
CA ILE B 125 3.00 -21.76 -6.67
C ILE B 125 2.80 -20.76 -5.54
N LEU B 126 2.06 -21.16 -4.52
CA LEU B 126 1.91 -20.34 -3.31
C LEU B 126 2.82 -20.84 -2.19
N ILE B 127 3.54 -19.92 -1.55
CA ILE B 127 4.30 -20.28 -0.37
C ILE B 127 3.45 -19.99 0.83
N GLY B 128 3.15 -21.02 1.63
CA GLY B 128 2.33 -20.78 2.79
C GLY B 128 2.01 -22.04 3.55
N HIS B 129 1.11 -21.92 4.50
CA HIS B 129 0.93 -23.00 5.47
C HIS B 129 -0.40 -23.74 5.24
N ALA B 130 -0.34 -25.07 4.99
CA ALA B 130 -1.58 -25.82 4.74
C ALA B 130 -2.61 -25.56 5.85
N GLY B 131 -3.86 -25.37 5.41
CA GLY B 131 -5.03 -25.32 6.25
C GLY B 131 -5.38 -23.93 6.75
N HIS B 132 -4.45 -22.98 6.67
CA HIS B 132 -4.74 -21.59 7.06
C HIS B 132 -5.81 -20.99 6.14
N PRO B 133 -6.79 -20.23 6.73
CA PRO B 133 -7.84 -19.70 5.90
C PRO B 133 -7.30 -18.71 4.88
N GLU B 134 -6.16 -18.09 5.12
CA GLU B 134 -5.64 -17.17 4.07
C GLU B 134 -5.17 -18.02 2.85
N VAL B 135 -4.52 -19.16 3.13
CA VAL B 135 -4.07 -20.10 2.06
C VAL B 135 -5.28 -20.66 1.30
N GLU B 136 -6.31 -21.12 2.02
CA GLU B 136 -7.57 -21.52 1.36
C GLU B 136 -8.15 -20.46 0.46
N GLY B 137 -8.25 -19.21 0.94
CA GLY B 137 -8.80 -18.16 0.11
C GLY B 137 -7.95 -17.86 -1.13
N THR B 138 -6.63 -17.84 -0.97
CA THR B 138 -5.69 -17.53 -2.06
C THR B 138 -5.62 -18.69 -3.10
N MET B 139 -5.48 -19.94 -2.63
CA MET B 139 -5.55 -21.12 -3.56
C MET B 139 -6.88 -21.05 -4.32
N GLY B 140 -7.91 -20.58 -3.63
CA GLY B 140 -9.29 -20.57 -4.17
C GLY B 140 -9.61 -19.51 -5.21
N GLN B 141 -8.63 -18.69 -5.57
CA GLN B 141 -8.70 -17.77 -6.68
C GLN B 141 -8.26 -18.45 -7.98
N TYR B 142 -7.72 -19.68 -7.89
CA TYR B 142 -7.25 -20.37 -9.09
C TYR B 142 -8.24 -21.44 -9.56
N SER B 143 -8.70 -21.39 -10.82
CA SER B 143 -9.71 -22.38 -11.29
C SER B 143 -9.37 -23.08 -12.61
N ASN B 144 -8.42 -22.55 -13.38
CA ASN B 144 -8.12 -23.05 -14.76
C ASN B 144 -7.48 -24.46 -14.82
N PRO B 145 -8.25 -25.49 -15.27
CA PRO B 145 -7.68 -26.83 -15.37
C PRO B 145 -6.43 -26.93 -16.26
N GLU B 146 -6.27 -26.04 -17.23
CA GLU B 146 -5.10 -26.11 -18.12
C GLU B 146 -3.80 -25.76 -17.42
N GLY B 147 -3.91 -24.93 -16.37
CA GLY B 147 -2.80 -24.54 -15.52
C GLY B 147 -2.77 -25.42 -14.27
N GLY B 148 -2.52 -24.81 -13.11
CA GLY B 148 -2.30 -25.57 -11.87
C GLY B 148 -1.91 -24.62 -10.76
N MET B 149 -2.24 -24.96 -9.51
CA MET B 149 -1.96 -24.13 -8.34
C MET B 149 -1.48 -25.08 -7.29
N TYR B 150 -0.23 -24.90 -6.93
CA TYR B 150 0.49 -25.73 -5.95
C TYR B 150 0.86 -24.97 -4.69
N LEU B 151 0.85 -25.71 -3.57
CA LEU B 151 1.27 -25.08 -2.29
C LEU B 151 2.58 -25.67 -1.81
N VAL B 152 3.59 -24.82 -1.50
CA VAL B 152 4.82 -25.32 -0.91
C VAL B 152 5.03 -24.63 0.45
N GLU B 153 5.57 -25.35 1.43
CA GLU B 153 5.84 -24.73 2.74
C GLU B 153 7.32 -24.61 3.07
N SER B 154 8.17 -25.29 2.32
CA SER B 154 9.59 -25.41 2.70
C SER B 154 10.43 -25.67 1.46
N PRO B 155 11.80 -25.56 1.57
CA PRO B 155 12.69 -25.95 0.47
C PRO B 155 12.43 -27.37 0.06
N ASP B 156 12.21 -28.25 1.02
CA ASP B 156 12.03 -29.68 0.69
C ASP B 156 10.83 -29.84 -0.23
N ASP B 157 9.74 -29.12 0.08
CA ASP B 157 8.52 -29.11 -0.75
C ASP B 157 8.84 -28.68 -2.19
N VAL B 158 9.69 -27.66 -2.34
CA VAL B 158 10.11 -27.19 -3.66
C VAL B 158 10.87 -28.32 -4.42
N TRP B 159 11.79 -28.98 -3.69
CA TRP B 159 12.69 -30.02 -4.28
C TRP B 159 11.89 -31.20 -4.76
N LYS B 160 10.74 -31.46 -4.11
CA LYS B 160 9.88 -32.60 -4.50
C LYS B 160 8.74 -32.21 -5.49
N LEU B 161 8.58 -30.92 -5.80
CA LEU B 161 7.50 -30.42 -6.71
C LEU B 161 7.74 -30.68 -8.22
N THR B 162 6.68 -31.21 -8.83
CA THR B 162 6.47 -31.47 -10.27
C THR B 162 5.47 -30.46 -10.79
N VAL B 163 5.73 -29.96 -12.00
CA VAL B 163 5.01 -28.89 -12.63
C VAL B 163 4.87 -29.30 -14.07
N LYS B 164 3.81 -28.85 -14.73
CA LYS B 164 3.57 -29.20 -16.13
C LYS B 164 4.36 -28.37 -17.12
N ASN B 165 4.62 -27.10 -16.80
CA ASN B 165 5.35 -26.24 -17.71
C ASN B 165 6.14 -25.15 -16.96
N GLU B 166 7.42 -25.46 -16.76
CA GLU B 166 8.33 -24.65 -15.94
C GLU B 166 8.69 -23.33 -16.57
N GLU B 167 8.42 -23.22 -17.87
CA GLU B 167 8.72 -22.03 -18.62
C GLU B 167 7.75 -20.89 -18.28
N LYS B 168 6.56 -21.27 -17.85
CA LYS B 168 5.42 -20.34 -17.53
C LYS B 168 4.96 -20.57 -16.08
N LEU B 169 5.68 -19.99 -15.17
CA LEU B 169 5.51 -20.32 -13.77
C LEU B 169 5.59 -19.01 -12.98
N SER B 170 4.64 -18.79 -12.06
CA SER B 170 4.72 -17.68 -11.10
C SER B 170 4.66 -18.17 -9.63
N PHE B 171 5.20 -17.38 -8.71
CA PHE B 171 4.91 -17.64 -7.30
C PHE B 171 4.22 -16.47 -6.58
N MET B 172 3.49 -16.81 -5.53
CA MET B 172 2.96 -15.82 -4.58
C MET B 172 3.23 -16.27 -3.13
N THR B 173 3.03 -15.40 -2.15
CA THR B 173 3.18 -15.85 -0.78
C THR B 173 1.95 -15.41 0.12
N GLN B 174 1.75 -16.24 1.18
CA GLN B 174 1.02 -15.83 2.34
C GLN B 174 1.69 -14.59 2.96
N THR B 175 0.83 -13.72 3.49
CA THR B 175 1.25 -12.34 3.88
C THR B 175 1.90 -12.31 5.26
N THR B 176 1.74 -13.37 6.05
CA THR B 176 2.20 -13.40 7.48
C THR B 176 3.38 -14.34 7.84
N LEU B 177 4.11 -14.78 6.84
CA LEU B 177 5.15 -15.76 7.05
C LEU B 177 6.45 -15.22 7.72
N SER B 178 7.31 -16.11 8.28
CA SER B 178 8.69 -15.73 8.63
C SER B 178 9.34 -15.13 7.31
N VAL B 179 9.85 -13.91 7.42
CA VAL B 179 10.60 -13.26 6.33
C VAL B 179 11.80 -14.14 6.02
N ASP B 180 12.55 -14.54 7.07
CA ASP B 180 13.73 -15.38 6.88
C ASP B 180 13.49 -16.73 6.18
N ASP B 181 12.49 -17.50 6.63
CA ASP B 181 12.24 -18.82 6.03
C ASP B 181 11.67 -18.70 4.63
N THR B 182 10.89 -17.67 4.36
CA THR B 182 10.31 -17.51 3.09
C THR B 182 11.42 -17.22 2.05
N SER B 183 12.41 -16.44 2.48
CA SER B 183 13.63 -16.22 1.70
C SER B 183 14.33 -17.50 1.24
N ASP B 184 14.50 -18.43 2.18
CA ASP B 184 14.99 -19.81 1.86
C ASP B 184 14.13 -20.50 0.80
N VAL B 185 12.82 -20.41 0.94
CA VAL B 185 11.91 -21.08 0.02
C VAL B 185 12.05 -20.44 -1.35
N ILE B 186 12.09 -19.11 -1.38
CA ILE B 186 12.21 -18.47 -2.69
C ILE B 186 13.55 -18.81 -3.38
N ASP B 187 14.64 -18.82 -2.60
CA ASP B 187 15.97 -19.25 -3.16
C ASP B 187 15.91 -20.62 -3.78
N ALA B 188 15.21 -21.56 -3.11
CA ALA B 188 15.00 -22.92 -3.60
C ALA B 188 14.19 -22.93 -4.88
N LEU B 189 13.10 -22.15 -4.95
CA LEU B 189 12.29 -21.95 -6.18
C LEU B 189 13.08 -21.44 -7.36
N ARG B 190 13.92 -20.40 -7.14
CA ARG B 190 14.71 -19.89 -8.27
C ARG B 190 15.80 -20.85 -8.75
N LYS B 191 16.41 -21.63 -7.86
CA LYS B 191 17.41 -22.69 -8.31
C LYS B 191 16.71 -23.82 -9.05
N ARG B 192 15.51 -24.12 -8.63
CA ARG B 192 14.79 -25.25 -9.24
C ARG B 192 14.08 -24.86 -10.54
N PHE B 193 13.52 -23.66 -10.55
CA PHE B 193 12.72 -23.19 -11.70
C PHE B 193 13.25 -21.84 -12.08
N PRO B 194 14.34 -21.79 -12.85
CA PRO B 194 15.00 -20.51 -13.15
C PRO B 194 14.16 -19.45 -13.87
N LYS B 195 13.09 -19.87 -14.55
CA LYS B 195 12.26 -18.95 -15.33
C LYS B 195 11.06 -18.47 -14.51
N ILE B 196 10.95 -18.91 -13.27
CA ILE B 196 9.82 -18.49 -12.37
C ILE B 196 9.82 -16.95 -12.17
N VAL B 197 8.63 -16.38 -12.22
CA VAL B 197 8.39 -14.94 -12.02
C VAL B 197 7.67 -14.69 -10.69
N GLY B 198 8.05 -13.65 -10.01
CA GLY B 198 7.33 -13.25 -8.84
C GLY B 198 7.47 -11.77 -8.61
N PRO B 199 7.03 -11.29 -7.42
CA PRO B 199 7.25 -9.88 -7.01
C PRO B 199 8.73 -9.68 -6.75
N ARG B 200 9.20 -8.46 -6.47
CA ARG B 200 10.61 -8.24 -6.26
C ARG B 200 11.15 -9.06 -5.05
N LYS B 201 10.36 -9.27 -3.98
CA LYS B 201 10.83 -10.07 -2.85
C LYS B 201 9.76 -11.12 -2.52
N ASP B 202 8.64 -10.72 -1.93
CA ASP B 202 7.61 -11.73 -1.64
C ASP B 202 6.30 -10.94 -1.40
N ASP B 203 5.27 -11.61 -0.92
CA ASP B 203 3.96 -10.94 -0.64
C ASP B 203 3.79 -10.67 0.84
N ILE B 204 4.83 -10.84 1.64
CA ILE B 204 4.75 -10.58 3.12
C ILE B 204 4.48 -9.06 3.31
N CYS B 205 3.43 -8.72 4.09
CA CYS B 205 2.99 -7.37 4.18
C CYS B 205 3.92 -6.56 5.11
N TYR B 206 3.74 -5.25 5.03
CA TYR B 206 4.58 -4.29 5.75
C TYR B 206 4.46 -4.62 7.25
N ALA B 207 3.26 -4.95 7.70
CA ALA B 207 3.06 -5.15 9.17
C ALA B 207 3.83 -6.36 9.68
N THR B 208 3.87 -7.43 8.87
CA THR B 208 4.53 -8.68 9.33
C THR B 208 6.03 -8.41 9.29
N THR B 209 6.49 -7.78 8.22
CA THR B 209 7.91 -7.39 8.17
C THR B 209 8.33 -6.55 9.36
N ASN B 210 7.58 -5.48 9.63
CA ASN B 210 7.94 -4.54 10.72
C ASN B 210 7.91 -5.18 12.08
N ARG B 211 6.97 -6.06 12.33
CA ARG B 211 6.88 -6.61 13.66
C ARG B 211 7.93 -7.69 13.89
N GLN B 212 8.23 -8.47 12.88
CA GLN B 212 9.43 -9.29 12.97
C GLN B 212 10.75 -8.45 13.16
N GLU B 213 10.94 -7.43 12.36
CA GLU B 213 12.12 -6.57 12.63
C GLU B 213 12.09 -5.96 14.08
N ALA B 214 10.95 -5.43 14.47
CA ALA B 214 10.83 -5.02 15.90
C ALA B 214 11.05 -6.14 16.98
N VAL B 215 10.58 -7.34 16.75
CA VAL B 215 10.87 -8.38 17.79
C VAL B 215 12.39 -8.85 17.80
N ARG B 216 13.06 -8.87 16.62
CA ARG B 216 14.51 -9.03 16.47
C ARG B 216 15.21 -7.97 17.37
N ALA B 217 14.81 -6.71 17.19
CA ALA B 217 15.32 -5.65 18.06
C ALA B 217 15.02 -5.86 19.54
N LEU B 218 13.84 -6.37 19.90
CA LEU B 218 13.45 -6.55 21.32
C LEU B 218 14.29 -7.71 21.93
N ALA B 219 14.45 -8.76 21.17
CA ALA B 219 15.08 -9.96 21.68
C ALA B 219 16.58 -9.84 21.92
N GLU B 220 17.25 -8.90 21.20
CA GLU B 220 18.64 -8.56 21.50
C GLU B 220 18.77 -8.17 22.96
N GLN B 221 17.81 -7.37 23.44
CA GLN B 221 17.93 -6.75 24.77
C GLN B 221 17.30 -7.59 25.91
N ALA B 222 16.28 -8.36 25.59
CA ALA B 222 15.39 -8.97 26.59
C ALA B 222 15.81 -10.42 26.76
N GLU B 223 15.83 -10.88 28.02
CA GLU B 223 15.92 -12.32 28.38
C GLU B 223 14.67 -13.14 28.00
N VAL B 224 13.46 -12.58 28.20
CA VAL B 224 12.16 -13.25 28.00
C VAL B 224 11.36 -12.37 27.13
N VAL B 225 10.66 -12.93 26.16
CA VAL B 225 9.80 -12.13 25.29
C VAL B 225 8.41 -12.75 25.44
N LEU B 226 7.40 -11.93 25.70
CA LEU B 226 5.95 -12.29 25.72
C LEU B 226 5.34 -11.74 24.46
N VAL B 227 4.61 -12.58 23.73
CA VAL B 227 3.95 -12.15 22.48
C VAL B 227 2.50 -12.31 22.71
N VAL B 228 1.81 -11.20 22.70
CA VAL B 228 0.35 -11.19 22.92
C VAL B 228 -0.29 -11.60 21.59
N GLY B 229 -0.99 -12.74 21.66
CA GLY B 229 -1.71 -13.26 20.49
C GLY B 229 -2.23 -14.61 20.76
N SER B 230 -3.26 -14.99 20.00
CA SER B 230 -3.93 -16.29 20.16
C SER B 230 -3.17 -17.40 19.41
N LYS B 231 -3.48 -18.66 19.76
CA LYS B 231 -2.75 -19.80 19.20
C LYS B 231 -2.95 -19.96 17.69
N ASN B 232 -4.03 -19.45 17.16
CA ASN B 232 -4.34 -19.68 15.75
C ASN B 232 -3.94 -18.48 14.88
N SER B 233 -3.23 -17.52 15.49
CA SER B 233 -2.66 -16.34 14.74
C SER B 233 -1.32 -16.71 14.10
N SER B 234 -1.26 -16.87 12.77
CA SER B 234 -0.02 -17.16 12.08
C SER B 234 1.06 -16.10 12.41
N ASN B 235 0.69 -14.79 12.28
CA ASN B 235 1.73 -13.74 12.42
C ASN B 235 2.24 -13.67 13.84
N SER B 236 1.35 -13.89 14.81
CA SER B 236 1.76 -13.91 16.24
C SER B 236 2.74 -15.05 16.52
N ASN B 237 2.47 -16.22 15.93
CA ASN B 237 3.36 -17.41 16.10
C ASN B 237 4.75 -17.11 15.53
N ARG B 238 4.83 -16.38 14.39
CA ARG B 238 6.13 -16.01 13.79
C ARG B 238 6.94 -15.15 14.76
N LEU B 239 6.30 -14.24 15.48
CA LEU B 239 6.99 -13.40 16.46
C LEU B 239 7.60 -14.18 17.62
N ALA B 240 6.86 -15.16 18.18
CA ALA B 240 7.31 -16.02 19.28
C ALA B 240 8.45 -16.87 18.75
N GLU B 241 8.32 -17.43 17.53
CA GLU B 241 9.37 -18.33 16.97
C GLU B 241 10.67 -17.56 16.70
N LEU B 242 10.58 -16.33 16.19
CA LEU B 242 11.79 -15.57 15.94
C LEU B 242 12.61 -15.35 17.22
N ALA B 243 11.91 -14.93 18.28
CA ALA B 243 12.51 -14.67 19.61
C ALA B 243 13.18 -15.92 20.21
N GLN B 244 12.47 -17.02 20.08
CA GLN B 244 12.93 -18.34 20.43
C GLN B 244 14.17 -18.75 19.61
N ARG B 245 14.17 -18.40 18.32
CA ARG B 245 15.31 -18.81 17.47
C ARG B 245 16.59 -18.05 17.81
N MET B 246 16.39 -16.88 18.44
CA MET B 246 17.45 -16.03 18.88
C MET B 246 17.91 -16.41 20.25
N GLY B 247 17.33 -17.53 20.73
CA GLY B 247 17.81 -18.10 21.95
C GLY B 247 17.23 -17.49 23.22
N LYS B 248 16.13 -16.75 23.11
CA LYS B 248 15.51 -16.16 24.28
C LYS B 248 14.30 -16.99 24.61
N ARG B 249 13.89 -17.01 25.87
CA ARG B 249 12.64 -17.69 26.22
C ARG B 249 11.39 -16.90 25.74
N ALA B 250 10.54 -17.51 24.92
CA ALA B 250 9.38 -16.79 24.29
C ALA B 250 8.11 -17.50 24.62
N PHE B 251 7.05 -16.72 24.88
CA PHE B 251 5.74 -17.25 25.19
C PHE B 251 4.68 -16.54 24.37
N LEU B 252 3.79 -17.32 23.76
CA LEU B 252 2.66 -16.77 23.08
C LEU B 252 1.50 -16.80 24.08
N ILE B 253 0.88 -15.64 24.40
CA ILE B 253 -0.11 -15.64 25.50
C ILE B 253 -1.32 -14.84 25.03
N ASP B 254 -2.51 -15.27 25.46
CA ASP B 254 -3.69 -14.53 25.08
C ASP B 254 -3.84 -13.27 25.86
N ASP B 255 -3.51 -13.32 27.14
CA ASP B 255 -3.72 -12.16 28.04
C ASP B 255 -2.94 -12.35 29.30
N ALA B 256 -2.98 -11.33 30.12
CA ALA B 256 -2.13 -11.28 31.30
C ALA B 256 -2.27 -12.49 32.28
N LYS B 257 -3.47 -13.07 32.38
CA LYS B 257 -3.74 -14.25 33.18
C LYS B 257 -2.91 -15.45 32.82
N ASP B 258 -2.35 -15.51 31.60
CA ASP B 258 -1.51 -16.67 31.18
C ASP B 258 -0.08 -16.66 31.70
N ILE B 259 0.41 -15.49 32.11
CA ILE B 259 1.76 -15.29 32.64
C ILE B 259 1.93 -16.11 33.95
N GLN B 260 2.94 -16.99 33.97
CA GLN B 260 3.32 -17.78 35.13
C GLN B 260 4.45 -17.04 35.81
N GLU B 261 4.47 -16.94 37.15
CA GLU B 261 5.60 -16.19 37.76
C GLU B 261 6.99 -16.86 37.58
N GLU B 262 7.02 -18.19 37.53
CA GLU B 262 8.22 -18.95 37.11
C GLU B 262 8.90 -18.27 35.86
N TRP B 263 8.08 -17.84 34.87
CA TRP B 263 8.59 -17.26 33.63
C TRP B 263 9.50 -16.07 33.79
N VAL B 264 9.25 -15.25 34.80
CA VAL B 264 9.93 -13.94 34.95
C VAL B 264 10.74 -13.77 36.26
N LYS B 265 10.77 -14.80 37.09
CA LYS B 265 11.48 -14.72 38.39
C LYS B 265 13.01 -14.54 38.19
N GLU B 266 13.57 -13.49 38.78
CA GLU B 266 14.99 -13.08 38.60
C GLU B 266 15.41 -12.70 37.17
N VAL B 267 14.45 -12.56 36.25
CA VAL B 267 14.72 -12.04 34.92
C VAL B 267 15.00 -10.54 35.10
N LYS B 268 16.06 -10.01 34.50
CA LYS B 268 16.35 -8.58 34.64
C LYS B 268 15.68 -7.72 33.52
N CYS B 269 15.30 -8.35 32.40
CA CYS B 269 14.70 -7.63 31.33
C CYS B 269 13.73 -8.51 30.55
N VAL B 270 12.50 -8.07 30.44
CA VAL B 270 11.47 -8.86 29.78
C VAL B 270 10.92 -7.94 28.72
N GLY B 271 10.55 -8.49 27.55
CA GLY B 271 10.08 -7.71 26.43
C GLY B 271 8.68 -8.15 26.17
N VAL B 272 7.87 -7.20 25.74
CA VAL B 272 6.46 -7.52 25.40
C VAL B 272 6.22 -7.02 23.95
N THR B 273 5.64 -7.88 23.12
CA THR B 273 5.11 -7.38 21.80
C THR B 273 3.69 -7.98 21.64
N ALA B 274 3.05 -7.69 20.54
CA ALA B 274 1.69 -8.18 20.27
C ALA B 274 1.63 -8.40 18.75
N GLY B 275 0.96 -9.45 18.34
CA GLY B 275 0.78 -9.72 16.94
C GLY B 275 -0.25 -8.75 16.38
N ALA B 276 -0.40 -8.80 15.09
CA ALA B 276 -1.22 -7.78 14.38
C ALA B 276 -2.71 -7.80 14.73
N SER B 277 -3.22 -8.88 15.31
CA SER B 277 -4.64 -8.99 15.63
C SER B 277 -4.94 -8.76 17.19
N ALA B 278 -3.92 -8.47 18.00
CA ALA B 278 -4.04 -8.16 19.44
C ALA B 278 -4.25 -6.67 19.80
N PRO B 279 -5.36 -6.36 20.50
CA PRO B 279 -5.71 -5.04 20.95
C PRO B 279 -4.71 -4.50 21.97
N ASP B 280 -4.53 -3.18 21.98
CA ASP B 280 -3.53 -2.55 22.86
C ASP B 280 -3.90 -2.73 24.35
N ILE B 281 -5.18 -2.82 24.65
CA ILE B 281 -5.53 -2.98 26.06
C ILE B 281 -4.93 -4.29 26.68
N LEU B 282 -4.87 -5.37 25.91
CA LEU B 282 -4.23 -6.61 26.42
C LEU B 282 -2.76 -6.36 26.77
N VAL B 283 -2.09 -5.55 25.95
CA VAL B 283 -0.67 -5.22 26.23
C VAL B 283 -0.59 -4.43 27.53
N GLN B 284 -1.45 -3.43 27.69
CA GLN B 284 -1.44 -2.62 28.91
C GLN B 284 -1.69 -3.52 30.12
N ASN B 285 -2.63 -4.49 30.01
CA ASN B 285 -2.91 -5.45 31.15
C ASN B 285 -1.68 -6.34 31.41
N VAL B 286 -0.99 -6.74 30.35
CA VAL B 286 0.27 -7.52 30.54
C VAL B 286 1.31 -6.74 31.33
N VAL B 287 1.50 -5.52 30.91
CA VAL B 287 2.49 -4.70 31.55
C VAL B 287 2.04 -4.56 33.01
N ALA B 288 0.75 -4.32 33.21
CA ALA B 288 0.32 -4.15 34.62
C ALA B 288 0.62 -5.40 35.49
N ARG B 289 0.37 -6.59 34.91
CA ARG B 289 0.73 -7.84 35.55
C ARG B 289 2.26 -7.96 35.74
N LEU B 290 3.06 -7.59 34.74
CA LEU B 290 4.51 -7.61 34.95
C LEU B 290 4.95 -6.67 36.09
N GLN B 291 4.30 -5.49 36.20
CA GLN B 291 4.64 -4.55 37.26
C GLN B 291 4.29 -5.11 38.65
N GLN B 292 3.28 -5.94 38.73
CA GLN B 292 2.96 -6.64 40.01
C GLN B 292 4.08 -7.59 40.36
N LEU B 293 4.81 -7.98 39.33
CA LEU B 293 5.74 -9.05 39.46
C LEU B 293 7.11 -8.36 39.50
N GLY B 294 7.13 -7.05 39.73
CA GLY B 294 8.38 -6.35 39.95
C GLY B 294 8.94 -5.55 38.82
N GLY B 295 8.26 -5.50 37.68
CA GLY B 295 8.65 -4.54 36.61
C GLY B 295 8.50 -3.06 36.97
N GLY B 296 9.29 -2.19 36.31
CA GLY B 296 9.16 -0.73 36.45
C GLY B 296 8.29 -0.21 35.32
N GLU B 297 8.40 1.08 35.02
CA GLU B 297 7.72 1.71 33.89
C GLU B 297 8.09 1.00 32.61
N ALA B 298 7.12 0.77 31.74
CA ALA B 298 7.40 0.10 30.47
C ALA B 298 8.14 1.11 29.59
N ILE B 299 9.25 0.68 29.02
CA ILE B 299 10.02 1.53 28.12
C ILE B 299 9.75 1.11 26.67
N PRO B 300 9.17 1.99 25.86
CA PRO B 300 9.01 1.59 24.47
C PRO B 300 10.32 1.74 23.65
N LEU B 301 10.67 0.75 22.86
CA LEU B 301 11.82 0.90 21.94
C LEU B 301 11.48 1.89 20.79
N GLU B 302 12.49 2.53 20.18
CA GLU B 302 12.32 3.37 18.96
C GLU B 302 11.95 2.40 17.85
N GLY B 303 11.01 2.72 16.97
CA GLY B 303 10.72 1.77 15.87
C GLY B 303 10.43 2.44 14.56
N ARG B 304 10.38 1.67 13.49
CA ARG B 304 10.03 2.12 12.18
C ARG B 304 8.59 2.67 12.27
N GLU B 305 8.41 3.88 11.74
CA GLU B 305 7.10 4.49 11.69
C GLU B 305 6.21 3.74 10.70
N GLU B 306 4.95 3.52 11.15
CA GLU B 306 3.87 3.02 10.26
C GLU B 306 2.89 4.16 10.05
N ASN B 307 2.42 4.33 8.82
CA ASN B 307 1.54 5.43 8.53
C ASN B 307 0.37 5.00 7.71
N ILE B 308 0.21 3.71 7.48
CA ILE B 308 -0.87 3.27 6.58
C ILE B 308 -2.17 3.00 7.33
N VAL B 309 -3.29 3.51 6.75
CA VAL B 309 -4.67 3.33 7.28
C VAL B 309 -5.49 2.85 6.06
N PHE B 310 -6.37 1.83 6.27
CA PHE B 310 -7.37 1.43 5.30
C PHE B 310 -8.77 1.78 5.81
N GLU B 311 -9.49 2.62 5.07
CA GLU B 311 -10.86 3.03 5.51
C GLU B 311 -11.90 1.91 5.32
N VAL B 312 -12.92 1.90 6.17
CA VAL B 312 -14.07 1.00 6.01
C VAL B 312 -14.80 1.44 4.71
N PRO B 313 -15.55 0.54 4.08
CA PRO B 313 -16.40 0.92 2.94
C PRO B 313 -17.34 2.10 3.28
N LYS B 314 -17.64 2.96 2.31
CA LYS B 314 -18.45 4.17 2.54
C LYS B 314 -19.81 3.88 3.17
N GLU B 315 -20.39 2.72 2.85
CA GLU B 315 -21.69 2.31 3.37
C GLU B 315 -21.68 2.05 4.87
N LEU B 316 -20.48 1.97 5.45
CA LEU B 316 -20.29 1.59 6.85
C LEU B 316 -19.67 2.68 7.74
N ARG B 317 -19.51 3.89 7.21
CA ARG B 317 -19.07 5.02 8.04
C ARG B 317 -20.05 5.31 9.17
N VAL B 318 -19.52 5.52 10.38
CA VAL B 318 -20.33 6.07 11.48
C VAL B 318 -20.03 7.58 11.60
#